data_4WAM
#
_entry.id   4WAM
#
_cell.length_a   48.162
_cell.length_b   130.259
_cell.length_c   143.868
_cell.angle_alpha   90.00
_cell.angle_beta   90.00
_cell.angle_gamma   90.00
#
_symmetry.space_group_name_H-M   'I 21 21 21'
#
loop_
_entity.id
_entity.type
_entity.pdbx_description
1 polymer 'beta-carbonic anhydrase'
2 non-polymer 'ZINC ION'
3 non-polymer 'PHOSPHATE ION'
4 water water
#
_entity_poly.entity_id   1
_entity_poly.type   'polypeptide(L)'
_entity_poly.pdbx_seq_one_letter_code
;MDKIKQLFANNYSWAQRMKEENSTYFKELADHQTPHYLVIACSDSRVSPEKLTNLEPGELFVHRNVANQVIHTDFNCLSV
VQYAVDVLKIEHIIICGHTNCGGIHAAMADKDLGLINNWLLHIRDIWFKHGHLLGKLSPEKRADMLTKINVAEQVYNLGR
TSIVKSAWERGQKLSLHGWVYDVNDGFLVDQGVMATSRETLEISYRNAIARLSILDEENILKKDHLENT
;
_entity_poly.pdbx_strand_id   A,B
#
loop_
_chem_comp.id
_chem_comp.type
_chem_comp.name
_chem_comp.formula
PO4 non-polymer 'PHOSPHATE ION' 'O4 P -3'
ZN non-polymer 'ZINC ION' 'Zn 2'
#
# COMPACT_ATOMS: atom_id res chain seq x y z
N THR A 34 -29.92 -16.17 -8.77
CA THR A 34 -29.07 -15.03 -9.20
C THR A 34 -27.78 -14.98 -8.32
N PRO A 35 -26.83 -14.04 -8.57
CA PRO A 35 -25.45 -14.31 -8.07
C PRO A 35 -25.34 -14.58 -6.58
N HIS A 36 -24.49 -15.51 -6.16
CA HIS A 36 -24.24 -15.76 -4.74
C HIS A 36 -22.78 -15.63 -4.32
N TYR A 37 -21.92 -15.38 -5.31
CA TYR A 37 -20.47 -15.43 -5.18
C TYR A 37 -19.89 -14.26 -5.97
N LEU A 38 -19.02 -13.47 -5.33
CA LEU A 38 -18.13 -12.59 -6.03
C LEU A 38 -16.77 -13.24 -6.11
N VAL A 39 -16.23 -13.28 -7.33
CA VAL A 39 -14.94 -13.84 -7.59
C VAL A 39 -14.04 -12.72 -8.06
N ILE A 40 -12.96 -12.48 -7.33
CA ILE A 40 -11.92 -11.57 -7.72
C ILE A 40 -10.76 -12.42 -8.21
N ALA A 41 -10.53 -12.40 -9.52
CA ALA A 41 -9.51 -13.23 -10.15
C ALA A 41 -8.57 -12.40 -11.05
N CYS A 42 -7.48 -13.00 -11.49
CA CYS A 42 -6.46 -12.32 -12.34
C CYS A 42 -6.82 -12.21 -13.82
N SER A 43 -6.48 -11.07 -14.39
CA SER A 43 -6.73 -10.82 -15.83
C SER A 43 -5.98 -11.74 -16.79
N ASP A 44 -4.81 -12.26 -16.38
CA ASP A 44 -4.01 -13.15 -17.25
C ASP A 44 -4.28 -14.60 -17.00
N SER A 45 -5.27 -14.93 -16.17
CA SER A 45 -5.56 -16.35 -15.86
C SER A 45 -6.15 -16.97 -17.15
N ARG A 46 -5.63 -18.12 -17.57
CA ARG A 46 -6.16 -18.86 -18.73
C ARG A 46 -7.58 -19.30 -18.52
N VAL A 47 -7.89 -19.67 -17.29
CA VAL A 47 -9.17 -20.28 -17.02
C VAL A 47 -10.19 -19.25 -16.47
N SER A 48 -11.33 -19.24 -17.13
CA SER A 48 -12.55 -18.65 -16.65
C SER A 48 -12.69 -18.94 -15.15
N PRO A 49 -13.07 -17.95 -14.37
CA PRO A 49 -13.45 -18.23 -12.98
C PRO A 49 -14.59 -19.22 -12.98
N GLU A 50 -15.42 -19.12 -14.00
CA GLU A 50 -16.44 -20.13 -14.29
C GLU A 50 -15.91 -21.53 -14.72
N LYS A 51 -14.66 -21.91 -14.40
CA LYS A 51 -14.38 -23.32 -14.08
C LYS A 51 -15.02 -23.52 -12.68
N LEU A 52 -14.63 -24.53 -11.89
CA LEU A 52 -14.98 -24.56 -10.42
C LEU A 52 -16.46 -24.79 -10.00
N PRO A 57 -23.48 -21.20 -13.59
CA PRO A 57 -22.98 -20.06 -14.34
C PRO A 57 -23.39 -18.68 -13.78
N GLY A 58 -24.70 -18.42 -13.77
CA GLY A 58 -25.23 -17.13 -13.33
C GLY A 58 -25.19 -16.92 -11.83
N GLU A 59 -24.47 -17.80 -11.11
CA GLU A 59 -24.21 -17.58 -9.70
C GLU A 59 -22.99 -16.68 -9.47
N LEU A 60 -22.21 -16.43 -10.52
CA LEU A 60 -20.99 -15.60 -10.41
C LEU A 60 -21.10 -14.12 -10.87
N PHE A 61 -20.71 -13.24 -9.98
CA PHE A 61 -20.39 -11.87 -10.26
C PHE A 61 -18.82 -11.80 -10.25
N VAL A 62 -18.19 -11.23 -11.27
CA VAL A 62 -16.77 -11.44 -11.47
C VAL A 62 -16.04 -10.07 -11.65
N HIS A 63 -14.92 -9.91 -10.95
CA HIS A 63 -14.04 -8.81 -11.12
C HIS A 63 -12.68 -9.43 -11.46
N ARG A 64 -12.04 -8.92 -12.51
CA ARG A 64 -10.69 -9.31 -12.94
C ARG A 64 -9.74 -8.12 -13.11
N ASN A 65 -8.59 -8.23 -12.45
CA ASN A 65 -7.55 -7.26 -12.51
C ASN A 65 -6.18 -7.90 -12.46
N VAL A 66 -5.12 -7.13 -12.65
CA VAL A 66 -3.79 -7.74 -12.78
C VAL A 66 -3.23 -8.21 -11.45
N ALA A 67 -3.02 -9.51 -11.30
CA ALA A 67 -2.60 -10.08 -10.04
C ALA A 67 -3.67 -10.02 -8.96
N ASN A 68 -4.94 -10.03 -9.37
CA ASN A 68 -6.06 -10.25 -8.45
C ASN A 68 -5.89 -9.50 -7.14
N GLN A 69 -5.74 -8.19 -7.27
CA GLN A 69 -5.57 -7.29 -6.13
C GLN A 69 -6.86 -6.66 -5.62
N VAL A 70 -6.85 -6.45 -4.31
CA VAL A 70 -7.71 -5.53 -3.61
C VAL A 70 -6.85 -4.44 -2.97
N ILE A 71 -6.70 -3.33 -3.70
CA ILE A 71 -5.85 -2.23 -3.23
C ILE A 71 -6.79 -1.36 -2.40
N HIS A 72 -6.34 -0.88 -1.25
CA HIS A 72 -7.24 -0.22 -0.27
C HIS A 72 -8.12 0.84 -0.84
N THR A 73 -7.55 1.57 -1.78
CA THR A 73 -8.09 2.75 -2.43
C THR A 73 -8.38 2.59 -3.94
N ASP A 74 -8.61 1.38 -4.41
CA ASP A 74 -9.01 1.18 -5.85
C ASP A 74 -10.54 1.29 -6.00
N PHE A 75 -10.99 2.38 -6.59
CA PHE A 75 -12.40 2.66 -6.71
C PHE A 75 -13.11 1.54 -7.49
N ASN A 76 -12.43 0.98 -8.48
CA ASN A 76 -12.98 -0.02 -9.34
C ASN A 76 -13.34 -1.28 -8.55
N CYS A 77 -12.35 -1.93 -7.93
CA CYS A 77 -12.57 -3.10 -7.06
C CYS A 77 -13.43 -2.81 -5.85
N LEU A 78 -13.18 -1.69 -5.15
CA LEU A 78 -14.07 -1.33 -4.06
C LEU A 78 -15.53 -1.16 -4.43
N SER A 79 -15.80 -0.59 -5.59
CA SER A 79 -17.17 -0.43 -6.07
C SER A 79 -17.86 -1.77 -6.26
N VAL A 80 -17.17 -2.68 -6.93
CA VAL A 80 -17.67 -4.04 -7.17
C VAL A 80 -18.05 -4.71 -5.81
N VAL A 81 -17.19 -4.55 -4.82
CA VAL A 81 -17.32 -5.21 -3.52
C VAL A 81 -18.47 -4.62 -2.75
N GLN A 82 -18.55 -3.32 -2.80
CA GLN A 82 -19.63 -2.64 -2.13
C GLN A 82 -21.00 -2.98 -2.72
N TYR A 83 -21.06 -3.03 -4.05
CA TYR A 83 -22.30 -3.48 -4.74
C TYR A 83 -22.66 -4.94 -4.42
N ALA A 84 -21.70 -5.84 -4.54
CA ALA A 84 -21.92 -7.27 -4.19
C ALA A 84 -22.51 -7.40 -2.76
N VAL A 85 -21.85 -6.79 -1.80
CA VAL A 85 -22.14 -6.90 -0.42
C VAL A 85 -23.36 -6.13 -0.03
N ASP A 86 -23.38 -4.83 -0.27
CA ASP A 86 -24.50 -4.03 0.20
C ASP A 86 -25.75 -4.14 -0.66
N VAL A 87 -25.61 -4.41 -1.95
CA VAL A 87 -26.79 -4.30 -2.83
C VAL A 87 -27.28 -5.70 -3.24
N LEU A 88 -26.39 -6.52 -3.82
CA LEU A 88 -26.74 -7.86 -4.25
C LEU A 88 -26.82 -8.88 -3.14
N LYS A 89 -26.35 -8.52 -1.95
CA LYS A 89 -26.40 -9.38 -0.78
C LYS A 89 -25.59 -10.65 -0.95
N ILE A 90 -24.49 -10.56 -1.68
CA ILE A 90 -23.67 -11.71 -1.93
C ILE A 90 -22.99 -12.12 -0.62
N GLU A 91 -22.99 -13.41 -0.29
CA GLU A 91 -22.56 -13.86 1.03
C GLU A 91 -21.17 -14.46 1.06
N HIS A 92 -20.58 -14.63 -0.12
CA HIS A 92 -19.20 -15.16 -0.33
C HIS A 92 -18.37 -14.33 -1.29
N ILE A 93 -17.18 -13.90 -0.88
CA ILE A 93 -16.19 -13.30 -1.79
C ILE A 93 -14.94 -14.22 -1.90
N ILE A 94 -14.59 -14.59 -3.11
CA ILE A 94 -13.45 -15.44 -3.40
C ILE A 94 -12.37 -14.67 -4.20
N ILE A 95 -11.22 -14.46 -3.57
CA ILE A 95 -10.03 -14.03 -4.26
C ILE A 95 -9.30 -15.28 -4.75
N CYS A 96 -9.23 -15.48 -6.06
CA CYS A 96 -8.62 -16.64 -6.60
C CYS A 96 -7.42 -16.24 -7.39
N GLY A 97 -6.23 -16.54 -6.85
CA GLY A 97 -4.98 -16.38 -7.59
C GLY A 97 -4.66 -17.63 -8.39
N HIS A 98 -3.52 -17.63 -9.03
CA HIS A 98 -3.11 -18.75 -9.87
C HIS A 98 -1.58 -18.73 -10.00
N THR A 99 -1.01 -19.93 -10.13
CA THR A 99 0.41 -20.10 -10.43
C THR A 99 0.75 -19.74 -11.88
N ASN A 100 2.04 -19.54 -12.14
CA ASN A 100 2.55 -19.05 -13.44
C ASN A 100 1.80 -17.74 -13.81
N CYS A 101 1.74 -16.81 -12.86
CA CYS A 101 1.00 -15.57 -13.03
C CYS A 101 1.93 -14.52 -13.63
N GLY A 102 1.62 -14.05 -14.83
CA GLY A 102 2.45 -12.98 -15.49
C GLY A 102 2.71 -11.76 -14.59
N GLY A 103 1.67 -11.35 -13.87
CA GLY A 103 1.71 -10.11 -13.09
C GLY A 103 2.63 -10.20 -11.88
N ILE A 104 2.55 -11.33 -11.20
CA ILE A 104 3.50 -11.69 -10.17
C ILE A 104 4.96 -11.71 -10.71
N HIS A 105 5.22 -12.53 -11.74
CA HIS A 105 6.54 -12.53 -12.47
C HIS A 105 6.99 -11.13 -12.86
N ALA A 106 6.09 -10.34 -13.46
CA ALA A 106 6.46 -8.99 -13.85
C ALA A 106 6.83 -8.15 -12.63
N ALA A 107 6.08 -8.27 -11.54
CA ALA A 107 6.45 -7.51 -10.32
C ALA A 107 7.81 -7.87 -9.77
N MET A 108 8.20 -9.15 -9.86
CA MET A 108 9.51 -9.58 -9.41
C MET A 108 10.61 -9.19 -10.39
N ALA A 109 10.35 -9.25 -11.70
CA ALA A 109 11.43 -8.94 -12.70
C ALA A 109 11.78 -7.45 -12.63
N ASP A 110 10.77 -6.63 -12.37
CA ASP A 110 10.97 -5.22 -12.12
C ASP A 110 11.62 -4.49 -13.23
N LYS A 111 11.24 -4.82 -14.44
CA LYS A 111 11.69 -4.11 -15.63
C LYS A 111 10.92 -2.77 -15.67
N ASP A 112 11.31 -1.84 -16.52
CA ASP A 112 10.55 -0.61 -16.71
C ASP A 112 9.42 -0.81 -17.73
N LEU A 113 8.29 -1.27 -17.24
CA LEU A 113 7.18 -1.59 -18.11
C LEU A 113 6.29 -0.39 -18.36
N GLY A 114 6.52 0.69 -17.62
CA GLY A 114 5.66 1.87 -17.64
C GLY A 114 4.53 1.82 -16.60
N LEU A 115 3.32 2.23 -17.00
CA LEU A 115 2.29 2.55 -16.04
C LEU A 115 2.01 1.37 -15.10
N ILE A 116 1.93 0.18 -15.67
CA ILE A 116 1.66 -1.06 -14.90
C ILE A 116 2.60 -1.28 -13.75
N ASN A 117 3.82 -0.71 -13.84
CA ASN A 117 4.78 -0.80 -12.70
C ASN A 117 4.23 -0.25 -11.39
N ASN A 118 3.37 0.76 -11.51
CA ASN A 118 2.84 1.39 -10.32
C ASN A 118 1.82 0.52 -9.65
N TRP A 119 1.01 -0.17 -10.45
CA TRP A 119 0.01 -1.10 -10.01
C TRP A 119 0.64 -2.32 -9.34
N LEU A 120 1.77 -2.74 -9.87
CA LEU A 120 2.53 -3.87 -9.38
C LEU A 120 3.40 -3.52 -8.18
N LEU A 121 3.53 -2.23 -7.86
CA LEU A 121 4.29 -1.80 -6.68
C LEU A 121 3.71 -2.38 -5.42
N HIS A 122 2.37 -2.49 -5.34
CA HIS A 122 1.77 -3.09 -4.15
C HIS A 122 2.22 -4.54 -3.96
N ILE A 123 2.38 -5.26 -5.05
CA ILE A 123 3.00 -6.61 -5.01
C ILE A 123 4.46 -6.60 -4.50
N ARG A 124 5.25 -5.58 -4.83
CA ARG A 124 6.64 -5.53 -4.41
C ARG A 124 6.65 -5.17 -2.89
N ASP A 125 5.69 -4.38 -2.44
CA ASP A 125 5.61 -4.12 -0.98
C ASP A 125 5.44 -5.42 -0.17
N ILE A 126 4.53 -6.26 -0.65
CA ILE A 126 4.22 -7.57 -0.08
C ILE A 126 5.43 -8.51 -0.15
N TRP A 127 6.16 -8.51 -1.27
CA TRP A 127 7.44 -9.19 -1.37
C TRP A 127 8.39 -8.75 -0.20
N PHE A 128 8.59 -7.46 -0.02
CA PHE A 128 9.50 -6.96 1.02
C PHE A 128 8.96 -7.16 2.46
N LYS A 129 7.66 -7.05 2.65
CA LYS A 129 7.06 -7.48 3.91
C LYS A 129 7.49 -8.94 4.25
N HIS A 130 7.76 -9.77 3.24
CA HIS A 130 8.10 -11.17 3.53
C HIS A 130 9.46 -11.53 2.98
N GLY A 131 10.34 -10.55 2.98
CA GLY A 131 11.64 -10.67 2.32
C GLY A 131 12.52 -11.76 2.92
N HIS A 132 12.48 -11.91 4.25
CA HIS A 132 13.29 -12.93 4.88
C HIS A 132 12.74 -14.28 4.46
N LEU A 133 11.43 -14.44 4.50
CA LEU A 133 10.82 -15.70 4.08
C LEU A 133 11.28 -16.06 2.67
N LEU A 134 11.00 -15.18 1.71
CA LEU A 134 11.17 -15.49 0.32
C LEU A 134 12.64 -15.75 -0.03
N GLY A 135 13.56 -15.11 0.69
CA GLY A 135 14.98 -15.22 0.42
C GLY A 135 15.46 -16.60 0.81
N LYS A 136 14.73 -17.27 1.70
CA LYS A 136 15.07 -18.63 2.11
C LYS A 136 14.63 -19.71 1.12
N LEU A 137 13.81 -19.36 0.13
CA LEU A 137 13.48 -20.29 -0.95
C LEU A 137 14.57 -20.23 -1.99
N SER A 138 14.68 -21.28 -2.82
CA SER A 138 15.51 -21.21 -4.01
C SER A 138 14.81 -20.37 -5.06
N PRO A 139 15.55 -19.69 -5.95
CA PRO A 139 15.00 -18.72 -6.88
C PRO A 139 13.77 -19.16 -7.64
N GLU A 140 13.83 -20.36 -8.21
CA GLU A 140 12.77 -20.81 -9.09
C GLU A 140 11.47 -21.16 -8.33
N LYS A 141 11.51 -21.17 -6.99
CA LYS A 141 10.30 -21.44 -6.20
C LYS A 141 9.61 -20.18 -5.70
N ARG A 142 10.26 -19.04 -5.88
CA ARG A 142 9.86 -17.80 -5.23
C ARG A 142 8.54 -17.22 -5.73
N ALA A 143 8.33 -17.32 -7.04
CA ALA A 143 7.12 -16.81 -7.71
C ALA A 143 5.86 -17.44 -7.11
N ASP A 144 5.86 -18.75 -6.99
CA ASP A 144 4.67 -19.49 -6.56
C ASP A 144 4.42 -19.24 -5.08
N MET A 145 5.45 -18.98 -4.29
CA MET A 145 5.26 -18.56 -2.92
C MET A 145 4.60 -17.17 -2.89
N LEU A 146 5.17 -16.24 -3.66
CA LEU A 146 4.60 -14.91 -3.68
C LEU A 146 3.15 -14.95 -4.15
N THR A 147 2.83 -15.84 -5.10
CA THR A 147 1.46 -15.92 -5.54
C THR A 147 0.53 -16.28 -4.35
N LYS A 148 1.01 -17.21 -3.53
CA LYS A 148 0.22 -17.64 -2.41
C LYS A 148 0.13 -16.55 -1.34
N ILE A 149 1.26 -15.91 -1.09
CA ILE A 149 1.30 -14.84 -0.10
C ILE A 149 0.35 -13.74 -0.58
N ASN A 150 0.36 -13.50 -1.89
CA ASN A 150 -0.36 -12.39 -2.43
C ASN A 150 -1.86 -12.54 -2.13
N VAL A 151 -2.38 -13.75 -2.34
CA VAL A 151 -3.77 -14.01 -2.11
C VAL A 151 -4.08 -13.74 -0.63
N ALA A 152 -3.20 -14.20 0.25
CA ALA A 152 -3.48 -14.00 1.70
C ALA A 152 -3.56 -12.54 2.06
N GLU A 153 -2.61 -11.77 1.54
CA GLU A 153 -2.54 -10.32 1.73
C GLU A 153 -3.75 -9.60 1.16
N GLN A 154 -4.27 -10.05 0.03
CA GLN A 154 -5.39 -9.37 -0.59
C GLN A 154 -6.68 -9.71 0.15
N VAL A 155 -6.74 -10.88 0.75
CA VAL A 155 -7.90 -11.24 1.57
C VAL A 155 -7.88 -10.36 2.84
N TYR A 156 -6.67 -10.16 3.41
CA TYR A 156 -6.50 -9.30 4.58
C TYR A 156 -6.95 -7.84 4.30
N ASN A 157 -6.54 -7.35 3.13
CA ASN A 157 -7.02 -6.06 2.66
C ASN A 157 -8.50 -6.01 2.53
N LEU A 158 -9.09 -7.04 1.94
CA LEU A 158 -10.54 -7.08 1.67
C LEU A 158 -11.32 -7.06 2.99
N GLY A 159 -10.87 -7.86 3.93
CA GLY A 159 -11.43 -7.88 5.24
C GLY A 159 -11.28 -6.61 6.07
N ARG A 160 -10.29 -5.80 5.76
CA ARG A 160 -10.14 -4.51 6.43
C ARG A 160 -10.82 -3.32 5.70
N THR A 161 -11.45 -3.53 4.55
CA THR A 161 -12.28 -2.50 3.91
C THR A 161 -13.41 -2.04 4.85
N SER A 162 -13.79 -0.77 4.68
CA SER A 162 -14.87 -0.20 5.45
C SER A 162 -16.11 -0.98 5.09
N ILE A 163 -16.15 -1.50 3.89
CA ILE A 163 -17.37 -2.18 3.39
C ILE A 163 -17.59 -3.46 4.16
N VAL A 164 -16.56 -4.26 4.19
CA VAL A 164 -16.62 -5.56 4.81
C VAL A 164 -16.65 -5.42 6.30
N LYS A 165 -15.76 -4.64 6.90
CA LYS A 165 -15.87 -4.41 8.33
C LYS A 165 -17.25 -3.97 8.77
N SER A 166 -17.88 -3.08 8.05
CA SER A 166 -19.20 -2.63 8.44
C SER A 166 -20.25 -3.70 8.32
N ALA A 167 -20.12 -4.54 7.28
CA ALA A 167 -21.08 -5.62 7.05
C ALA A 167 -20.99 -6.65 8.19
N TRP A 168 -19.78 -7.07 8.56
CA TRP A 168 -19.58 -7.89 9.80
C TRP A 168 -20.08 -7.26 11.08
N GLU A 169 -19.84 -5.96 11.26
CA GLU A 169 -20.27 -5.21 12.46
C GLU A 169 -21.76 -5.16 12.58
N ARG A 170 -22.49 -5.14 11.47
CA ARG A 170 -23.95 -5.14 11.57
C ARG A 170 -24.53 -6.54 11.41
N GLY A 171 -23.75 -7.55 11.71
CA GLY A 171 -24.24 -8.90 11.69
C GLY A 171 -24.48 -9.55 10.34
N GLN A 172 -24.15 -8.89 9.23
CA GLN A 172 -24.39 -9.55 7.94
C GLN A 172 -23.54 -10.82 7.78
N LYS A 173 -24.13 -11.87 7.22
CA LYS A 173 -23.39 -13.09 6.99
C LYS A 173 -22.52 -12.83 5.76
N LEU A 174 -21.21 -12.94 5.93
CA LEU A 174 -20.31 -12.74 4.82
C LEU A 174 -19.00 -13.49 5.04
N SER A 175 -18.65 -14.38 4.12
CA SER A 175 -17.39 -15.11 4.25
C SER A 175 -16.47 -14.72 3.12
N LEU A 176 -15.18 -14.65 3.42
CA LEU A 176 -14.14 -14.34 2.46
C LEU A 176 -13.24 -15.56 2.31
N HIS A 177 -12.75 -15.83 1.08
CA HIS A 177 -11.89 -16.96 0.77
C HIS A 177 -10.70 -16.59 -0.12
N GLY A 178 -9.56 -17.18 0.15
CA GLY A 178 -8.39 -17.00 -0.68
C GLY A 178 -7.89 -18.31 -1.19
N TRP A 179 -7.97 -18.49 -2.51
CA TRP A 179 -7.59 -19.71 -3.14
C TRP A 179 -6.57 -19.43 -4.25
N VAL A 180 -5.91 -20.49 -4.68
CA VAL A 180 -4.88 -20.41 -5.71
C VAL A 180 -5.16 -21.59 -6.63
N TYR A 181 -5.31 -21.31 -7.91
CA TYR A 181 -5.71 -22.31 -8.86
C TYR A 181 -4.48 -23.02 -9.41
N GLY A 186 -4.11 -29.38 -12.19
CA GLY A 186 -5.37 -28.70 -12.54
C GLY A 186 -6.27 -28.37 -11.35
N PHE A 187 -5.70 -28.44 -10.15
CA PHE A 187 -6.44 -28.35 -8.88
C PHE A 187 -6.35 -26.95 -8.21
N LEU A 188 -7.18 -26.77 -7.18
CA LEU A 188 -7.23 -25.57 -6.39
C LEU A 188 -6.48 -25.62 -5.06
N VAL A 189 -5.23 -26.08 -5.07
CA VAL A 189 -4.37 -26.01 -3.88
C VAL A 189 -5.14 -25.77 -2.57
N GLY A 192 -6.92 -22.14 1.76
CA GLY A 192 -5.96 -21.18 2.33
C GLY A 192 -6.51 -20.32 3.45
N VAL A 193 -7.00 -19.13 3.12
CA VAL A 193 -7.50 -18.12 4.09
C VAL A 193 -9.00 -18.13 4.03
N MET A 194 -9.62 -18.04 5.20
CA MET A 194 -11.06 -18.05 5.27
C MET A 194 -11.49 -17.16 6.42
N ALA A 195 -12.35 -16.19 6.12
CA ALA A 195 -12.75 -15.27 7.17
C ALA A 195 -14.25 -15.08 7.20
N THR A 196 -14.73 -14.86 8.40
CA THR A 196 -16.14 -14.78 8.69
C THR A 196 -16.50 -13.58 9.63
N SER A 197 -15.47 -12.81 10.05
CA SER A 197 -15.54 -11.77 11.08
C SER A 197 -14.16 -11.14 11.12
N ARG A 198 -14.01 -9.99 11.78
CA ARG A 198 -12.68 -9.39 11.94
C ARG A 198 -11.73 -10.24 12.81
N GLU A 199 -12.18 -10.80 13.92
CA GLU A 199 -11.31 -11.70 14.67
C GLU A 199 -10.83 -12.93 13.84
N THR A 200 -11.72 -13.62 13.09
CA THR A 200 -11.23 -14.74 12.29
C THR A 200 -10.43 -14.33 11.09
N LEU A 201 -10.62 -13.11 10.60
CA LEU A 201 -9.73 -12.64 9.56
C LEU A 201 -8.30 -12.58 10.11
N GLU A 202 -8.15 -12.03 11.31
CA GLU A 202 -6.85 -11.82 11.88
C GLU A 202 -6.19 -13.20 12.13
N ILE A 203 -6.97 -14.11 12.69
CA ILE A 203 -6.50 -15.42 13.00
C ILE A 203 -6.03 -16.12 11.69
N SER A 204 -6.96 -16.18 10.73
CA SER A 204 -6.76 -16.90 9.49
C SER A 204 -5.61 -16.31 8.65
N TYR A 205 -5.50 -14.97 8.59
CA TYR A 205 -4.36 -14.37 7.93
C TYR A 205 -3.05 -14.75 8.63
N ARG A 206 -2.97 -14.63 9.95
CA ARG A 206 -1.70 -14.94 10.63
C ARG A 206 -1.34 -16.41 10.47
N ASN A 207 -2.34 -17.28 10.51
CA ASN A 207 -2.08 -18.70 10.32
C ASN A 207 -1.59 -18.99 8.90
N ALA A 208 -2.10 -18.28 7.90
CA ALA A 208 -1.69 -18.63 6.50
C ALA A 208 -0.23 -18.34 6.30
N ILE A 209 0.18 -17.18 6.83
CA ILE A 209 1.56 -16.75 6.78
C ILE A 209 2.53 -17.67 7.54
N ALA A 210 2.18 -18.03 8.75
CA ALA A 210 3.00 -19.02 9.52
C ALA A 210 3.05 -20.40 8.82
N ARG A 211 1.91 -20.82 8.30
CA ARG A 211 1.80 -22.06 7.53
C ARG A 211 2.70 -22.00 6.28
N LEU A 212 2.71 -20.86 5.61
CA LEU A 212 3.55 -20.66 4.44
C LEU A 212 5.05 -20.51 4.82
N SER A 213 5.32 -20.05 6.03
CA SER A 213 6.69 -19.94 6.53
C SER A 213 7.36 -21.27 6.82
N ILE A 214 6.59 -22.34 6.89
CA ILE A 214 7.17 -23.64 7.17
C ILE A 214 7.67 -24.26 5.88
N LEU A 215 8.98 -24.31 5.66
CA LEU A 215 9.47 -24.70 4.33
C LEU A 215 9.77 -26.19 4.09
N ASP A 216 9.17 -26.73 3.03
CA ASP A 216 9.45 -28.08 2.53
C ASP A 216 10.91 -28.08 2.08
N GLU A 217 11.59 -29.20 2.34
CA GLU A 217 13.00 -29.44 1.95
C GLU A 217 13.26 -29.17 0.46
N GLU A 218 12.33 -29.64 -0.37
CA GLU A 218 12.42 -29.54 -1.82
C GLU A 218 12.34 -28.06 -2.32
N ASN A 219 11.84 -27.15 -1.48
CA ASN A 219 11.76 -25.71 -1.79
C ASN A 219 12.93 -24.86 -1.21
N ILE A 220 13.45 -25.25 -0.04
CA ILE A 220 14.58 -24.53 0.59
C ILE A 220 15.82 -24.51 -0.35
N LEU A 221 16.67 -23.48 -0.20
CA LEU A 221 17.77 -23.15 -1.12
C LEU A 221 19.12 -23.84 -0.82
N THR B 34 8.51 30.67 -13.82
CA THR B 34 7.36 29.83 -13.35
C THR B 34 7.92 28.60 -12.57
N PRO B 35 7.06 27.63 -12.15
CA PRO B 35 7.34 27.02 -10.86
C PRO B 35 8.53 26.04 -10.84
N HIS B 36 9.21 25.95 -9.70
CA HIS B 36 10.39 25.07 -9.52
C HIS B 36 10.28 24.02 -8.36
N TYR B 37 9.15 23.98 -7.66
CA TYR B 37 8.99 23.06 -6.56
C TYR B 37 7.57 22.49 -6.61
N LEU B 38 7.46 21.17 -6.49
CA LEU B 38 6.22 20.53 -6.20
C LEU B 38 6.25 20.20 -4.72
N VAL B 39 5.20 20.67 -4.03
CA VAL B 39 5.05 20.36 -2.62
C VAL B 39 3.83 19.47 -2.44
N ILE B 40 3.99 18.39 -1.68
CA ILE B 40 2.87 17.50 -1.36
C ILE B 40 2.68 17.59 0.14
N ALA B 41 1.54 18.12 0.57
CA ALA B 41 1.33 18.49 1.93
C ALA B 41 -0.02 17.96 2.38
N CYS B 42 -0.30 18.07 3.68
CA CYS B 42 -1.52 17.56 4.22
C CYS B 42 -2.73 18.50 4.08
N SER B 43 -3.89 17.95 3.75
CA SER B 43 -5.10 18.71 3.71
C SER B 43 -5.53 19.38 5.02
N ASP B 44 -5.16 18.82 6.17
CA ASP B 44 -5.54 19.41 7.46
C ASP B 44 -4.42 20.18 8.11
N SER B 45 -3.32 20.45 7.39
CA SER B 45 -2.24 21.28 7.95
C SER B 45 -2.71 22.74 7.86
N ARG B 46 -2.61 23.51 8.95
CA ARG B 46 -3.02 24.94 8.94
C ARG B 46 -1.91 25.89 8.44
N VAL B 47 -0.64 25.53 8.60
CA VAL B 47 0.44 26.22 7.90
C VAL B 47 0.33 25.86 6.39
N SER B 48 0.23 26.86 5.51
CA SER B 48 0.27 26.63 4.09
C SER B 48 1.72 26.34 3.67
N PRO B 49 1.93 25.70 2.51
CA PRO B 49 3.28 25.44 2.02
C PRO B 49 4.02 26.67 1.61
N GLU B 50 3.28 27.65 1.08
CA GLU B 50 3.82 28.97 0.77
C GLU B 50 4.44 29.57 2.00
N LYS B 51 3.76 29.52 3.14
CA LYS B 51 4.31 30.19 4.32
C LYS B 51 5.52 29.43 4.88
N LEU B 52 5.42 28.10 4.99
CA LEU B 52 6.54 27.31 5.53
C LEU B 52 7.77 27.18 4.57
N THR B 53 7.68 27.72 3.36
CA THR B 53 8.80 27.78 2.41
C THR B 53 9.21 29.25 2.26
N GLY B 58 4.95 32.11 -6.13
CA GLY B 58 4.73 31.31 -7.34
C GLY B 58 5.91 30.43 -7.75
N GLU B 59 6.73 30.08 -6.78
CA GLU B 59 7.71 29.01 -6.99
C GLU B 59 6.94 27.67 -7.00
N LEU B 60 5.84 27.62 -6.24
CA LEU B 60 5.23 26.37 -5.82
C LEU B 60 4.09 25.83 -6.67
N PHE B 61 4.18 24.57 -7.05
CA PHE B 61 3.07 23.79 -7.55
C PHE B 61 2.69 22.87 -6.34
N VAL B 62 1.41 22.75 -6.04
CA VAL B 62 0.94 22.21 -4.76
C VAL B 62 -0.08 21.08 -4.93
N HIS B 63 0.18 19.94 -4.27
CA HIS B 63 -0.84 18.91 -4.10
C HIS B 63 -1.12 18.76 -2.62
N ARG B 64 -2.38 18.73 -2.22
CA ARG B 64 -2.68 18.31 -0.87
C ARG B 64 -3.75 17.28 -0.79
N ASN B 65 -3.51 16.32 0.10
CA ASN B 65 -4.41 15.22 0.33
C ASN B 65 -4.35 14.83 1.82
N VAL B 66 -5.15 13.89 2.29
CA VAL B 66 -5.17 13.60 3.72
C VAL B 66 -3.93 12.77 4.11
N ALA B 67 -3.11 13.34 4.98
CA ALA B 67 -1.89 12.73 5.49
C ALA B 67 -0.76 12.64 4.47
N ASN B 68 -0.76 13.60 3.56
CA ASN B 68 0.31 13.84 2.63
C ASN B 68 0.90 12.56 2.07
N GLN B 69 0.05 11.80 1.39
CA GLN B 69 0.39 10.50 0.80
C GLN B 69 0.70 10.54 -0.67
N VAL B 70 1.65 9.68 -1.01
CA VAL B 70 1.87 9.20 -2.37
C VAL B 70 1.56 7.71 -2.41
N ILE B 71 0.36 7.40 -2.83
CA ILE B 71 -0.14 6.01 -2.88
C ILE B 71 0.11 5.55 -4.28
N HIS B 72 0.55 4.31 -4.43
CA HIS B 72 1.18 3.90 -5.67
C HIS B 72 0.32 4.10 -6.86
N THR B 73 -0.96 3.89 -6.66
CA THR B 73 -1.93 3.82 -7.71
C THR B 73 -3.02 4.92 -7.62
N ASP B 74 -2.69 6.03 -6.96
CA ASP B 74 -3.57 7.19 -6.89
C ASP B 74 -3.27 8.05 -8.13
N PHE B 75 -4.20 7.97 -9.08
CA PHE B 75 -4.14 8.68 -10.32
C PHE B 75 -4.00 10.22 -10.12
N ASN B 76 -4.61 10.74 -9.07
CA ASN B 76 -4.64 12.15 -8.77
C ASN B 76 -3.24 12.67 -8.44
N CYS B 77 -2.64 12.14 -7.38
CA CYS B 77 -1.24 12.45 -7.02
C CYS B 77 -0.27 12.10 -8.15
N LEU B 78 -0.41 10.92 -8.75
CA LEU B 78 0.51 10.50 -9.78
C LEU B 78 0.50 11.38 -11.00
N SER B 79 -0.70 11.74 -11.43
CA SER B 79 -0.91 12.72 -12.46
C SER B 79 -0.11 13.96 -12.19
N VAL B 80 -0.30 14.56 -10.99
CA VAL B 80 0.40 15.77 -10.53
C VAL B 80 1.92 15.54 -10.68
N VAL B 81 2.41 14.43 -10.12
CA VAL B 81 3.85 14.15 -10.16
C VAL B 81 4.36 14.04 -11.60
N GLN B 82 3.60 13.34 -12.45
CA GLN B 82 4.01 13.18 -13.84
C GLN B 82 4.06 14.50 -14.60
N TYR B 83 3.02 15.28 -14.45
CA TYR B 83 3.03 16.62 -14.98
C TYR B 83 4.20 17.48 -14.44
N ALA B 84 4.47 17.45 -13.13
CA ALA B 84 5.49 18.28 -12.54
C ALA B 84 6.86 17.88 -13.15
N VAL B 85 7.11 16.58 -13.23
CA VAL B 85 8.40 16.08 -13.65
C VAL B 85 8.61 16.05 -15.16
N ASP B 86 7.61 15.57 -15.90
CA ASP B 86 7.83 15.34 -17.33
C ASP B 86 7.50 16.61 -18.10
N VAL B 87 6.62 17.47 -17.58
CA VAL B 87 6.13 18.59 -18.40
C VAL B 87 6.72 19.90 -17.88
N LEU B 88 6.51 20.19 -16.61
CA LEU B 88 7.07 21.38 -16.02
C LEU B 88 8.58 21.29 -15.72
N LYS B 89 9.15 20.08 -15.69
CA LYS B 89 10.54 19.88 -15.40
C LYS B 89 10.94 20.46 -14.06
N ILE B 90 10.01 20.43 -13.11
CA ILE B 90 10.29 20.76 -11.73
C ILE B 90 11.39 19.85 -11.18
N GLU B 91 12.40 20.44 -10.53
CA GLU B 91 13.59 19.71 -10.11
C GLU B 91 13.62 19.35 -8.63
N HIS B 92 12.61 19.80 -7.87
CA HIS B 92 12.47 19.47 -6.45
C HIS B 92 11.04 19.12 -6.10
N ILE B 93 10.91 17.98 -5.42
CA ILE B 93 9.66 17.60 -4.82
C ILE B 93 9.81 17.48 -3.30
N ILE B 94 8.95 18.18 -2.59
CA ILE B 94 8.95 18.16 -1.15
C ILE B 94 7.65 17.54 -0.71
N ILE B 95 7.74 16.49 0.07
CA ILE B 95 6.62 16.01 0.82
C ILE B 95 6.74 16.59 2.21
N CYS B 96 5.75 17.35 2.64
CA CYS B 96 5.78 17.96 3.96
C CYS B 96 4.66 17.40 4.81
N GLY B 97 5.03 16.69 5.87
CA GLY B 97 4.11 16.38 6.97
C GLY B 97 4.17 17.42 8.08
N HIS B 98 3.35 17.21 9.10
CA HIS B 98 3.22 18.10 10.26
C HIS B 98 2.83 17.34 11.53
N THR B 99 3.32 17.81 12.67
CA THR B 99 2.87 17.26 13.96
C THR B 99 1.43 17.65 14.25
N ASN B 100 0.80 16.95 15.20
CA ASN B 100 -0.63 17.13 15.53
C ASN B 100 -1.47 17.10 14.25
N CYS B 101 -1.42 15.97 13.54
CA CYS B 101 -2.01 15.83 12.20
C CYS B 101 -3.22 14.99 12.36
N GLY B 102 -4.40 15.51 12.03
CA GLY B 102 -5.67 14.78 12.30
C GLY B 102 -5.80 13.48 11.45
N GLY B 103 -5.17 13.44 10.28
CA GLY B 103 -5.21 12.25 9.43
C GLY B 103 -4.45 11.10 10.08
N ILE B 104 -3.28 11.42 10.63
CA ILE B 104 -2.49 10.46 11.38
C ILE B 104 -3.26 9.99 12.60
N HIS B 105 -3.73 10.91 13.42
CA HIS B 105 -4.52 10.56 14.64
C HIS B 105 -5.72 9.69 14.27
N ALA B 106 -6.45 10.05 13.23
CA ALA B 106 -7.57 9.20 12.78
C ALA B 106 -7.16 7.84 12.26
N ALA B 107 -6.01 7.72 11.59
CA ALA B 107 -5.56 6.37 11.19
C ALA B 107 -5.24 5.50 12.41
N MET B 108 -4.68 6.13 13.45
CA MET B 108 -4.33 5.48 14.70
C MET B 108 -5.54 5.09 15.56
N ALA B 109 -6.44 6.03 15.90
CA ALA B 109 -7.74 5.71 16.55
C ALA B 109 -8.42 4.86 15.52
N ASP B 110 -9.24 3.89 15.79
CA ASP B 110 -9.54 3.21 14.50
C ASP B 110 -11.03 3.14 14.29
N LYS B 111 -11.63 4.33 14.24
CA LYS B 111 -13.07 4.43 14.33
C LYS B 111 -13.66 4.12 12.98
N ASP B 112 -14.94 3.86 12.96
CA ASP B 112 -15.61 3.57 11.72
C ASP B 112 -15.97 4.92 11.11
N LEU B 113 -15.02 5.50 10.39
CA LEU B 113 -15.25 6.81 9.79
C LEU B 113 -15.95 6.80 8.45
N GLY B 114 -16.09 5.62 7.85
CA GLY B 114 -16.59 5.48 6.50
C GLY B 114 -15.51 5.52 5.43
N LEU B 115 -15.82 6.04 4.24
CA LEU B 115 -14.90 5.92 3.10
C LEU B 115 -13.43 6.29 3.42
N ILE B 116 -13.21 7.39 4.13
CA ILE B 116 -11.85 7.80 4.50
C ILE B 116 -11.02 6.73 5.18
N ASN B 117 -11.65 5.83 5.95
CA ASN B 117 -10.86 4.69 6.50
C ASN B 117 -10.04 3.93 5.44
N ASN B 118 -10.56 3.80 4.25
CA ASN B 118 -9.88 3.10 3.19
C ASN B 118 -8.61 3.82 2.78
N TRP B 119 -8.69 5.14 2.60
CA TRP B 119 -7.56 6.03 2.39
C TRP B 119 -6.48 5.88 3.46
N LEU B 120 -6.95 5.86 4.70
CA LEU B 120 -6.06 5.82 5.88
C LEU B 120 -5.44 4.45 6.21
N LEU B 121 -5.98 3.38 5.61
CA LEU B 121 -5.40 2.06 5.70
C LEU B 121 -3.92 2.01 5.28
N HIS B 122 -3.53 2.80 4.27
CA HIS B 122 -2.10 2.87 3.85
C HIS B 122 -1.17 3.31 4.95
N ILE B 123 -1.68 4.18 5.80
CA ILE B 123 -0.98 4.65 6.98
C ILE B 123 -1.02 3.58 8.05
N ARG B 124 -2.11 2.82 8.15
CA ARG B 124 -2.13 1.73 9.10
C ARG B 124 -1.08 0.70 8.65
N ASP B 125 -0.94 0.43 7.36
CA ASP B 125 0.11 -0.52 6.93
C ASP B 125 1.49 -0.02 7.34
N ILE B 126 1.67 1.31 7.36
CA ILE B 126 2.92 1.89 7.79
C ILE B 126 3.16 1.76 9.28
N TRP B 127 2.14 1.92 10.11
CA TRP B 127 2.28 1.69 11.54
C TRP B 127 2.77 0.23 11.72
N PHE B 128 2.10 -0.72 11.08
CA PHE B 128 2.48 -2.10 11.36
CA PHE B 128 2.45 -2.17 11.21
C PHE B 128 3.86 -2.43 10.69
N LYS B 129 4.24 -1.73 9.63
CA LYS B 129 5.61 -1.89 9.15
C LYS B 129 6.64 -1.52 10.23
N HIS B 130 6.23 -0.69 11.19
CA HIS B 130 7.16 -0.19 12.21
C HIS B 130 6.58 -0.43 13.59
N GLY B 131 5.87 -1.53 13.74
CA GLY B 131 5.11 -1.79 14.98
C GLY B 131 6.02 -1.94 16.18
N HIS B 132 7.09 -2.72 16.02
CA HIS B 132 7.98 -2.95 17.15
C HIS B 132 8.53 -1.58 17.57
N LEU B 133 8.92 -0.76 16.60
CA LEU B 133 9.51 0.53 16.98
C LEU B 133 8.49 1.41 17.71
N LEU B 134 7.27 1.50 17.16
CA LEU B 134 6.25 2.34 17.79
C LEU B 134 5.76 1.86 19.15
N GLY B 135 5.83 0.56 19.42
CA GLY B 135 5.45 0.02 20.73
C GLY B 135 6.38 0.36 21.90
N LYS B 136 7.64 0.67 21.62
CA LYS B 136 8.59 1.05 22.65
C LYS B 136 8.27 2.41 23.26
N LEU B 137 7.64 3.26 22.48
CA LEU B 137 7.37 4.61 22.93
C LEU B 137 6.15 4.63 23.78
N SER B 138 6.14 5.60 24.69
CA SER B 138 4.95 5.98 25.41
C SER B 138 3.88 6.47 24.43
N PRO B 139 2.62 6.10 24.66
CA PRO B 139 1.53 6.35 23.70
C PRO B 139 1.23 7.83 23.35
N GLU B 140 1.61 8.78 24.19
CA GLU B 140 1.40 10.18 23.84
C GLU B 140 2.47 10.64 22.86
N LYS B 141 3.45 9.78 22.60
CA LYS B 141 4.58 10.09 21.73
C LYS B 141 4.54 9.41 20.35
N ARG B 142 3.62 8.48 20.14
CA ARG B 142 3.64 7.65 18.95
C ARG B 142 3.23 8.37 17.68
N ALA B 143 2.29 9.29 17.82
CA ALA B 143 1.70 9.98 16.70
C ALA B 143 2.73 10.81 15.96
N ASP B 144 3.52 11.52 16.72
CA ASP B 144 4.61 12.31 16.22
C ASP B 144 5.74 11.46 15.62
N MET B 145 5.96 10.29 16.19
CA MET B 145 6.85 9.33 15.54
C MET B 145 6.24 8.84 14.19
N LEU B 146 4.97 8.49 14.20
CA LEU B 146 4.32 7.97 13.00
C LEU B 146 4.26 9.03 11.93
N THR B 147 4.04 10.28 12.34
CA THR B 147 4.07 11.39 11.41
C THR B 147 5.43 11.48 10.65
N LYS B 148 6.54 11.32 11.35
CA LYS B 148 7.84 11.40 10.72
C LYS B 148 8.09 10.17 9.87
N ILE B 149 7.71 9.02 10.38
CA ILE B 149 7.88 7.79 9.63
C ILE B 149 7.02 7.81 8.37
N ASN B 150 5.81 8.34 8.50
CA ASN B 150 4.96 8.46 7.36
C ASN B 150 5.65 9.28 6.25
N VAL B 151 6.26 10.39 6.61
CA VAL B 151 6.91 11.23 5.60
C VAL B 151 8.01 10.44 4.85
N ALA B 152 8.86 9.73 5.59
CA ALA B 152 9.90 8.88 4.96
C ALA B 152 9.34 7.84 4.03
N GLU B 153 8.27 7.20 4.42
CA GLU B 153 7.62 6.21 3.56
C GLU B 153 6.99 6.81 2.32
N GLN B 154 6.48 8.04 2.38
CA GLN B 154 5.88 8.64 1.19
C GLN B 154 6.97 9.07 0.20
N VAL B 155 8.06 9.57 0.72
CA VAL B 155 9.21 9.85 -0.11
C VAL B 155 9.67 8.58 -0.83
N TYR B 156 9.85 7.51 -0.07
CA TYR B 156 10.22 6.23 -0.65
C TYR B 156 9.28 5.78 -1.75
N ASN B 157 7.97 5.91 -1.53
CA ASN B 157 7.00 5.65 -2.61
C ASN B 157 7.14 6.55 -3.84
N LEU B 158 7.40 7.85 -3.66
CA LEU B 158 7.52 8.79 -4.76
C LEU B 158 8.74 8.43 -5.66
N GLY B 159 9.83 8.11 -4.98
CA GLY B 159 11.04 7.62 -5.56
C GLY B 159 10.91 6.33 -6.32
N ARG B 160 9.91 5.54 -5.97
CA ARG B 160 9.63 4.27 -6.64
C ARG B 160 8.61 4.33 -7.79
N THR B 161 7.97 5.47 -8.00
CA THR B 161 7.05 5.63 -9.12
C THR B 161 7.84 5.45 -10.39
N SER B 162 7.15 4.96 -11.41
CA SER B 162 7.69 4.79 -12.73
C SER B 162 8.17 6.13 -13.27
N ILE B 163 7.46 7.19 -12.92
CA ILE B 163 7.74 8.54 -13.38
C ILE B 163 9.09 9.01 -12.87
N VAL B 164 9.33 8.90 -11.56
CA VAL B 164 10.60 9.34 -10.96
C VAL B 164 11.76 8.36 -11.29
N LYS B 165 11.47 7.06 -11.30
CA LYS B 165 12.53 6.13 -11.69
C LYS B 165 13.04 6.46 -13.10
N SER B 166 12.10 6.62 -14.04
CA SER B 166 12.43 7.00 -15.38
C SER B 166 13.15 8.31 -15.48
N ALA B 167 12.75 9.34 -14.74
CA ALA B 167 13.49 10.60 -14.81
C ALA B 167 14.94 10.41 -14.36
N TRP B 168 15.15 9.71 -13.25
CA TRP B 168 16.53 9.48 -12.79
C TRP B 168 17.36 8.65 -13.80
N GLU B 169 16.72 7.69 -14.47
CA GLU B 169 17.39 6.82 -15.45
C GLU B 169 17.81 7.57 -16.70
N ARG B 170 17.01 8.55 -17.13
CA ARG B 170 17.38 9.39 -18.29
C ARG B 170 18.13 10.71 -17.94
N GLY B 171 18.77 10.72 -16.77
CA GLY B 171 19.73 11.81 -16.47
C GLY B 171 19.09 13.08 -15.90
N GLN B 172 17.76 13.11 -15.76
CA GLN B 172 17.12 14.33 -15.34
C GLN B 172 17.47 14.66 -13.90
N LYS B 173 17.74 15.93 -13.66
CA LYS B 173 18.08 16.39 -12.33
C LYS B 173 16.77 16.51 -11.56
N LEU B 174 16.66 15.73 -10.49
CA LEU B 174 15.45 15.63 -9.67
C LEU B 174 15.74 15.25 -8.20
N SER B 175 15.34 16.10 -7.26
CA SER B 175 15.57 15.78 -5.88
C SER B 175 14.29 15.66 -5.11
N LEU B 176 14.22 14.68 -4.20
CA LEU B 176 13.06 14.49 -3.36
C LEU B 176 13.40 14.87 -1.91
N HIS B 177 12.46 15.46 -1.19
CA HIS B 177 12.67 15.78 0.22
C HIS B 177 11.46 15.50 1.01
N GLY B 178 11.69 15.09 2.24
CA GLY B 178 10.60 14.81 3.13
C GLY B 178 10.83 15.69 4.30
N TRP B 179 9.88 16.54 4.64
CA TRP B 179 10.06 17.40 5.77
C TRP B 179 8.92 17.18 6.74
N VAL B 180 9.16 17.48 8.00
CA VAL B 180 8.08 17.53 8.95
C VAL B 180 8.04 18.89 9.66
N TYR B 181 6.86 19.52 9.72
CA TYR B 181 6.73 20.87 10.34
C TYR B 181 6.04 20.76 11.69
N ASP B 182 6.44 21.58 12.65
CA ASP B 182 5.85 21.53 14.00
C ASP B 182 5.29 22.89 14.37
N VAL B 183 3.95 23.03 14.49
CA VAL B 183 3.33 24.36 14.83
C VAL B 183 3.20 24.58 16.32
N ASN B 184 3.51 23.57 17.13
CA ASN B 184 3.87 23.78 18.54
C ASN B 184 5.05 24.79 18.60
N ASP B 185 5.97 24.68 17.61
CA ASP B 185 7.11 25.59 17.41
C ASP B 185 6.91 26.69 16.35
N GLY B 186 6.36 26.31 15.21
CA GLY B 186 6.46 27.08 13.97
C GLY B 186 7.66 26.65 13.12
N PHE B 187 8.26 25.50 13.45
CA PHE B 187 9.62 25.13 12.98
C PHE B 187 9.74 23.79 12.23
N LEU B 188 10.89 23.56 11.59
CA LEU B 188 11.06 22.44 10.66
C LEU B 188 12.14 21.42 10.98
N VAL B 189 11.93 20.20 10.49
CA VAL B 189 12.93 19.13 10.45
C VAL B 189 12.94 18.47 9.03
N ASP B 190 14.02 18.67 8.23
CA ASP B 190 14.20 17.86 7.00
C ASP B 190 14.41 16.46 7.46
N GLN B 191 13.41 15.64 7.19
CA GLN B 191 13.21 14.42 7.90
C GLN B 191 14.16 13.36 7.36
N GLY B 192 15.46 13.63 7.45
CA GLY B 192 16.47 12.62 7.15
C GLY B 192 16.47 12.09 5.72
N VAL B 193 15.33 12.31 4.99
CA VAL B 193 15.14 11.78 3.64
C VAL B 193 15.30 12.85 2.59
N MET B 194 16.43 12.76 1.90
CA MET B 194 16.75 13.55 0.74
C MET B 194 17.27 12.54 -0.26
N ALA B 195 16.70 12.55 -1.47
CA ALA B 195 17.06 11.59 -2.49
C ALA B 195 17.27 12.26 -3.87
N THR B 196 18.34 11.87 -4.58
CA THR B 196 18.66 12.33 -5.95
C THR B 196 18.89 11.22 -6.98
N SER B 197 18.71 9.98 -6.57
CA SER B 197 18.82 8.84 -7.49
C SER B 197 18.18 7.67 -6.78
N ARG B 198 18.06 6.53 -7.46
CA ARG B 198 17.49 5.33 -6.82
C ARG B 198 18.44 4.92 -5.66
N GLU B 199 19.74 5.00 -5.96
CA GLU B 199 20.82 4.73 -5.01
C GLU B 199 20.58 5.57 -3.75
N THR B 200 20.57 6.91 -3.89
CA THR B 200 20.44 7.74 -2.68
C THR B 200 19.07 7.61 -1.96
N LEU B 201 18.01 7.23 -2.71
CA LEU B 201 16.70 6.96 -2.12
C LEU B 201 16.73 5.75 -1.14
N GLU B 202 17.25 4.63 -1.62
CA GLU B 202 17.36 3.42 -0.81
C GLU B 202 18.17 3.70 0.46
N ILE B 203 19.31 4.39 0.31
CA ILE B 203 20.20 4.69 1.43
C ILE B 203 19.63 5.67 2.41
N SER B 204 19.16 6.79 1.89
CA SER B 204 18.59 7.84 2.70
C SER B 204 17.31 7.34 3.36
N TYR B 205 16.53 6.50 2.67
CA TYR B 205 15.35 5.89 3.35
C TYR B 205 15.80 5.04 4.57
N ARG B 206 16.78 4.18 4.35
CA ARG B 206 17.30 3.27 5.41
C ARG B 206 17.79 4.02 6.67
N ASN B 207 18.55 5.06 6.42
CA ASN B 207 19.13 5.86 7.47
C ASN B 207 18.14 6.77 8.15
N ALA B 208 17.11 7.24 7.45
CA ALA B 208 16.11 8.03 8.12
C ALA B 208 15.41 7.19 9.18
N ILE B 209 15.00 5.98 8.80
CA ILE B 209 14.32 5.07 9.73
C ILE B 209 15.23 4.72 10.90
N ALA B 210 16.50 4.48 10.60
CA ALA B 210 17.44 4.15 11.67
C ALA B 210 17.69 5.35 12.58
N ARG B 211 17.76 6.53 12.01
CA ARG B 211 17.88 7.74 12.81
C ARG B 211 16.62 7.95 13.66
N LEU B 212 15.45 7.58 13.13
CA LEU B 212 14.21 7.72 13.92
C LEU B 212 14.08 6.67 15.00
N SER B 213 14.79 5.56 14.85
CA SER B 213 14.79 4.51 15.86
C SER B 213 15.68 4.76 17.10
N ILE B 214 16.41 5.86 17.15
CA ILE B 214 17.20 6.20 18.33
C ILE B 214 16.23 6.94 19.22
N LEU B 215 16.03 6.45 20.45
CA LEU B 215 14.96 6.96 21.33
C LEU B 215 15.42 7.93 22.45
N ASP B 216 14.75 9.10 22.52
CA ASP B 216 14.96 10.13 23.56
C ASP B 216 14.37 9.67 24.92
N GLU B 217 15.25 9.29 25.86
CA GLU B 217 14.87 8.68 27.16
C GLU B 217 13.84 9.49 27.95
ZN ZN C . -2.14 -13.74 -13.23
P PO4 D . -8.90 3.76 -9.27
O1 PO4 D . -7.94 2.49 -9.37
O2 PO4 D . -10.34 3.42 -9.85
O3 PO4 D . -9.20 4.24 -7.80
O4 PO4 D . -8.12 4.89 -10.11
P PO4 E . -14.11 -13.84 -16.78
O1 PO4 E . -12.85 -14.44 -16.32
O2 PO4 E . -14.86 -14.80 -17.56
O3 PO4 E . -14.84 -13.53 -15.58
O4 PO4 E . -13.77 -12.66 -17.55
P PO4 F . -8.34 -2.72 10.78
O1 PO4 F . -6.99 -3.38 10.75
O2 PO4 F . -9.41 -3.75 11.13
O3 PO4 F . -8.29 -1.68 11.85
O4 PO4 F . -8.67 -2.13 9.42
P PO4 G . 11.11 -0.54 -7.07
O1 PO4 G . 11.43 -1.81 -7.81
O2 PO4 G . 10.49 -1.00 -5.74
O3 PO4 G . 12.39 0.30 -7.02
O4 PO4 G . 10.12 0.27 -7.90
ZN ZN H . -2.41 16.48 8.64
#